data_6E3E
#
_entry.id   6E3E
#
_cell.length_a   99.661
_cell.length_b   99.661
_cell.length_c   125.280
_cell.angle_alpha   90.000
_cell.angle_beta   90.000
_cell.angle_gamma   120.000
#
_symmetry.space_group_name_H-M   'P 61'
#
loop_
_entity.id
_entity.type
_entity.pdbx_description
1 polymer 'Nuclear receptor ROR-gamma'
2 non-polymer 'SULFATE ION'
3 non-polymer (4S)-2-METHYL-2,4-PENTANEDIOL
4 non-polymer '5-[(5R)-5-[(7-fluoro-1,1-dimethyl-2,3-dihydro-1H-inden-5-yl)carbamoyl]-2-methoxy-7,8-dihydro-1,6-naphthyridin-6(5H)-yl]-5-oxopentanoic acid'
5 water water
#
_entity_poly.entity_id   1
_entity_poly.type   'polypeptide(L)'
_entity_poly.pdbx_seq_one_letter_code
;ASLTEIEHLVQSVCKSYRETCQLRLEDLLRQRSNIFSREEVTGYQRKSMWEMWERCAHHLTEAIQYVVEFAKRLSGFMEL
CQNDQIVLLKAGAMEVVLVRMCRAYNADNRTVFFEGKYGGMELFRALGCSELISSIFDFSHSLSALHFSEDEIALYTALV
LINAHRPGLQEKRKVEQLQYNLELAFHHHLCKTHRQSILAKLPPKGKLRSLCSQHVE
;
_entity_poly.pdbx_strand_id   A,B
#
# COMPACT_ATOMS: atom_id res chain seq x y z
N ALA A 1 -35.26 -2.32 -3.79
CA ALA A 1 -34.53 -2.37 -2.47
C ALA A 1 -35.46 -2.13 -1.27
N SER A 2 -35.71 -3.17 -0.47
CA SER A 2 -36.60 -3.06 0.70
C SER A 2 -35.96 -2.31 1.88
N LEU A 3 -36.81 -1.96 2.85
CA LEU A 3 -36.40 -1.40 4.15
C LEU A 3 -35.38 -2.29 4.90
N THR A 4 -35.53 -3.61 4.78
CA THR A 4 -34.62 -4.58 5.39
C THR A 4 -33.26 -4.53 4.71
N GLU A 5 -33.24 -4.45 3.39
CA GLU A 5 -31.98 -4.35 2.63
C GLU A 5 -31.28 -3.02 2.87
N ILE A 6 -32.05 -1.94 2.94
CA ILE A 6 -31.50 -0.63 3.20
C ILE A 6 -30.85 -0.52 4.57
N GLU A 7 -31.51 -1.02 5.61
CA GLU A 7 -30.94 -1.02 6.97
C GLU A 7 -29.76 -1.98 7.11
N HIS A 8 -29.80 -3.11 6.38
CA HIS A 8 -28.64 -3.99 6.29
C HIS A 8 -27.47 -3.19 5.70
N LEU A 9 -27.72 -2.43 4.65
CA LEU A 9 -26.65 -1.67 4.01
C LEU A 9 -26.04 -0.62 4.95
N VAL A 10 -26.91 0.14 5.63
CA VAL A 10 -26.46 1.09 6.65
C VAL A 10 -25.53 0.43 7.65
N GLN A 11 -26.00 -0.68 8.24
CA GLN A 11 -25.23 -1.39 9.29
C GLN A 11 -23.92 -1.92 8.76
N SER A 12 -23.93 -2.32 7.50
CA SER A 12 -22.78 -2.89 6.87
C SER A 12 -21.70 -1.82 6.60
N VAL A 13 -22.13 -0.69 6.05
CA VAL A 13 -21.22 0.43 5.81
C VAL A 13 -20.60 0.89 7.14
N CYS A 14 -21.43 0.99 8.18
CA CYS A 14 -20.97 1.43 9.51
C CYS A 14 -20.01 0.43 10.14
N LYS A 15 -20.22 -0.86 9.90
CA LYS A 15 -19.32 -1.88 10.37
C LYS A 15 -17.95 -1.70 9.69
N SER A 16 -17.95 -1.66 8.34
CA SER A 16 -16.72 -1.48 7.55
C SER A 16 -15.94 -0.25 8.00
N TYR A 17 -16.65 0.84 8.26
CA TYR A 17 -16.01 2.03 8.78
C TYR A 17 -15.31 1.73 10.11
N ARG A 18 -16.06 1.12 11.03
CA ARG A 18 -15.55 0.78 12.37
C ARG A 18 -14.29 -0.07 12.32
N GLU A 19 -14.26 -1.01 11.38
CA GLU A 19 -13.13 -1.91 11.22
C GLU A 19 -11.93 -1.29 10.51
N THR A 20 -12.11 -0.14 9.87
CA THR A 20 -11.07 0.49 9.06
C THR A 20 -10.79 1.94 9.47
N CYS A 21 -11.26 2.38 10.63
CA CYS A 21 -11.13 3.81 11.02
C CYS A 21 -9.74 4.21 11.50
N GLN A 22 -8.88 3.24 11.82
CA GLN A 22 -7.46 3.43 12.23
C GLN A 22 -7.34 3.94 13.65
N LEU A 23 -7.86 5.12 13.89
CA LEU A 23 -7.85 5.79 15.18
C LEU A 23 -9.27 5.76 15.74
N ARG A 24 -9.44 5.07 16.87
CA ARG A 24 -10.72 4.95 17.58
C ARG A 24 -11.11 6.32 18.14
N LEU A 25 -12.34 6.74 17.90
CA LEU A 25 -12.87 8.02 18.45
C LEU A 25 -12.60 8.17 19.94
N GLU A 26 -12.80 7.08 20.67
CA GLU A 26 -12.60 7.04 22.12
C GLU A 26 -11.20 7.50 22.49
N ASP A 27 -10.19 6.91 21.84
CA ASP A 27 -8.78 7.29 22.05
C ASP A 27 -8.53 8.78 21.74
N LEU A 28 -9.04 9.25 20.59
CA LEU A 28 -8.80 10.62 20.14
C LEU A 28 -9.31 11.66 21.13
N LEU A 29 -10.53 11.45 21.63
CA LEU A 29 -11.14 12.35 22.62
C LEU A 29 -10.41 12.39 23.96
N ARG A 30 -9.94 11.22 24.41
CA ARG A 30 -9.20 11.11 25.67
C ARG A 30 -7.84 11.80 25.58
N GLN A 31 -7.21 11.68 24.41
CA GLN A 31 -5.90 12.29 24.14
C GLN A 31 -5.95 13.81 23.88
N ARG A 32 -7.15 14.39 23.67
CA ARG A 32 -7.29 15.86 23.50
C ARG A 32 -6.55 16.71 24.54
N SER A 33 -6.51 16.25 25.78
CA SER A 33 -5.79 16.95 26.84
C SER A 33 -4.25 16.80 26.73
N ASN A 34 -3.78 15.82 25.94
CA ASN A 34 -2.36 15.57 25.74
C ASN A 34 -1.83 16.39 24.53
N ILE A 35 -1.21 17.53 24.86
CA ILE A 35 -0.93 18.61 23.94
C ILE A 35 0.57 18.82 23.87
N PHE A 36 1.13 19.03 22.68
CA PHE A 36 2.57 19.22 22.54
C PHE A 36 3.00 20.46 23.31
N SER A 37 4.08 20.36 24.07
CA SER A 37 4.62 21.50 24.81
C SER A 37 5.28 22.46 23.84
N ARG A 38 5.52 23.70 24.29
CA ARG A 38 6.22 24.69 23.46
C ARG A 38 7.59 24.20 23.04
N GLU A 39 8.26 23.40 23.88
CA GLU A 39 9.59 22.87 23.53
C GLU A 39 9.43 21.85 22.38
N GLU A 40 8.39 21.04 22.46
CA GLU A 40 8.15 20.03 21.44
C GLU A 40 7.75 20.66 20.09
N VAL A 41 6.91 21.70 20.15
CA VAL A 41 6.50 22.42 18.95
C VAL A 41 7.73 22.97 18.23
N THR A 42 8.58 23.64 19.01
CA THR A 42 9.83 24.18 18.52
C THR A 42 10.70 23.09 17.84
N GLY A 43 10.73 21.90 18.44
CA GLY A 43 11.46 20.76 17.91
C GLY A 43 10.97 20.36 16.53
N TYR A 44 9.65 20.33 16.37
CA TYR A 44 9.07 20.08 15.07
C TYR A 44 9.35 21.20 14.08
N GLN A 45 9.31 22.46 14.54
CA GLN A 45 9.62 23.59 13.65
C GLN A 45 11.07 23.60 13.17
N ARG A 46 11.99 23.09 13.98
CA ARG A 46 13.40 23.06 13.58
C ARG A 46 13.74 21.95 12.56
N LYS A 47 12.92 20.92 12.48
CA LYS A 47 13.17 19.85 11.52
C LYS A 47 13.16 20.37 10.09
N SER A 48 13.86 19.67 9.20
CA SER A 48 13.83 19.98 7.78
C SER A 48 12.42 19.79 7.20
N MET A 49 12.09 20.54 6.17
CA MET A 49 10.93 20.26 5.35
C MET A 49 10.96 18.81 4.81
N TRP A 50 12.13 18.32 4.45
CA TRP A 50 12.27 16.95 3.99
C TRP A 50 11.89 15.93 5.05
N GLU A 51 12.27 16.15 6.30
CA GLU A 51 11.85 15.26 7.34
C GLU A 51 10.35 15.37 7.62
N MET A 52 9.83 16.59 7.72
CA MET A 52 8.42 16.74 7.98
C MET A 52 7.58 16.13 6.84
N TRP A 53 8.03 16.30 5.60
CA TRP A 53 7.35 15.68 4.47
C TRP A 53 7.36 14.15 4.61
N GLU A 54 8.53 13.56 4.89
CA GLU A 54 8.65 12.11 5.13
C GLU A 54 7.66 11.63 6.19
N ARG A 55 7.66 12.29 7.35
CA ARG A 55 6.72 11.91 8.40
C ARG A 55 5.28 12.03 7.94
N CYS A 56 4.91 13.21 7.42
CA CYS A 56 3.52 13.42 7.01
C CYS A 56 3.05 12.49 5.90
N ALA A 57 3.91 12.35 4.88
CA ALA A 57 3.65 11.47 3.76
C ALA A 57 3.48 10.01 4.19
N HIS A 58 4.27 9.58 5.17
CA HIS A 58 4.11 8.24 5.74
C HIS A 58 2.75 8.07 6.46
N HIS A 59 2.38 9.04 7.29
CA HIS A 59 1.17 8.89 8.09
C HIS A 59 -0.06 8.98 7.20
N LEU A 60 -0.04 9.90 6.24
CA LEU A 60 -1.17 10.04 5.33
C LEU A 60 -1.30 8.83 4.38
N THR A 61 -0.18 8.26 3.99
CA THR A 61 -0.15 7.12 3.05
C THR A 61 -0.76 5.94 3.74
N GLU A 62 -0.37 5.74 5.00
CA GLU A 62 -1.02 4.76 5.84
C GLU A 62 -2.54 5.00 5.96
N ALA A 63 -2.94 6.25 6.16
CA ALA A 63 -4.37 6.60 6.26
C ALA A 63 -5.12 6.26 4.97
N ILE A 64 -4.48 6.58 3.84
CA ILE A 64 -4.97 6.17 2.54
C ILE A 64 -5.22 4.66 2.47
N GLN A 65 -4.30 3.85 3.00
CA GLN A 65 -4.45 2.38 2.96
C GLN A 65 -5.69 1.90 3.71
N TYR A 66 -5.95 2.51 4.87
CA TYR A 66 -7.20 2.26 5.61
C TYR A 66 -8.44 2.66 4.83
N VAL A 67 -8.37 3.73 4.05
CA VAL A 67 -9.49 4.08 3.16
C VAL A 67 -9.71 3.05 2.03
N VAL A 68 -8.62 2.55 1.46
CA VAL A 68 -8.71 1.50 0.45
C VAL A 68 -9.40 0.26 1.04
N GLU A 69 -8.97 -0.16 2.23
CA GLU A 69 -9.63 -1.25 2.96
C GLU A 69 -11.12 -1.02 3.22
N PHE A 70 -11.49 0.20 3.58
CA PHE A 70 -12.88 0.59 3.75
C PHE A 70 -13.65 0.35 2.46
N ALA A 71 -13.07 0.82 1.34
CA ALA A 71 -13.70 0.65 0.02
C ALA A 71 -13.91 -0.80 -0.32
N LYS A 72 -12.88 -1.60 -0.09
CA LYS A 72 -12.95 -3.05 -0.34
C LYS A 72 -14.08 -3.75 0.40
N ARG A 73 -14.43 -3.26 1.59
CA ARG A 73 -15.50 -3.86 2.39
C ARG A 73 -16.88 -3.27 2.13
N LEU A 74 -17.02 -2.39 1.14
CA LEU A 74 -18.33 -1.84 0.77
C LEU A 74 -19.03 -2.72 -0.23
N SER A 75 -20.30 -3.03 0.06
CA SER A 75 -21.09 -3.94 -0.77
C SER A 75 -21.02 -3.47 -2.20
N GLY A 76 -20.52 -4.33 -3.08
CA GLY A 76 -20.51 -4.05 -4.50
C GLY A 76 -19.24 -3.47 -5.06
N PHE A 77 -18.38 -2.92 -4.19
CA PHE A 77 -17.17 -2.28 -4.67
C PHE A 77 -16.22 -3.26 -5.34
N MET A 78 -15.96 -4.37 -4.68
CA MET A 78 -15.14 -5.45 -5.28
C MET A 78 -15.77 -6.10 -6.52
N GLU A 79 -17.10 -6.06 -6.63
CA GLU A 79 -17.79 -6.53 -7.84
C GLU A 79 -17.63 -5.61 -9.07
N LEU A 80 -17.18 -4.37 -8.90
CA LEU A 80 -16.91 -3.44 -10.02
C LEU A 80 -15.66 -3.89 -10.73
N CYS A 81 -15.49 -3.47 -12.00
CA CYS A 81 -14.32 -3.86 -12.76
C CYS A 81 -13.06 -3.18 -12.25
N GLN A 82 -11.91 -3.78 -12.57
CA GLN A 82 -10.58 -3.30 -12.17
C GLN A 82 -10.46 -1.79 -12.33
N ASN A 83 -10.74 -1.33 -13.55
CA ASN A 83 -10.54 0.07 -13.96
C ASN A 83 -11.33 1.07 -13.09
N ASP A 84 -12.57 0.71 -12.76
CA ASP A 84 -13.47 1.57 -12.00
C ASP A 84 -13.11 1.67 -10.52
N GLN A 85 -12.65 0.56 -9.95
CA GLN A 85 -12.15 0.54 -8.58
C GLN A 85 -11.03 1.55 -8.38
N ILE A 86 -10.09 1.53 -9.31
CA ILE A 86 -8.91 2.40 -9.25
C ILE A 86 -9.28 3.86 -9.54
N VAL A 87 -10.11 4.10 -10.54
CA VAL A 87 -10.55 5.45 -10.86
C VAL A 87 -11.21 6.08 -9.61
N LEU A 88 -12.12 5.34 -8.97
CA LEU A 88 -12.79 5.86 -7.78
C LEU A 88 -11.83 6.13 -6.62
N LEU A 89 -10.90 5.22 -6.34
CA LEU A 89 -9.97 5.42 -5.24
C LEU A 89 -9.04 6.58 -5.52
N LYS A 90 -8.56 6.66 -6.75
CA LYS A 90 -7.65 7.73 -7.16
C LYS A 90 -8.31 9.12 -6.98
N ALA A 91 -9.58 9.23 -7.32
CA ALA A 91 -10.31 10.48 -7.22
C ALA A 91 -10.76 10.80 -5.80
N GLY A 92 -11.17 9.80 -5.03
CA GLY A 92 -11.88 9.99 -3.75
C GLY A 92 -11.14 9.73 -2.43
N ALA A 93 -10.10 8.91 -2.45
CA ALA A 93 -9.44 8.45 -1.22
C ALA A 93 -8.89 9.59 -0.38
N MET A 94 -8.28 10.57 -1.04
CA MET A 94 -7.68 11.67 -0.32
C MET A 94 -8.75 12.58 0.27
N GLU A 95 -9.88 12.71 -0.43
CA GLU A 95 -11.05 13.41 0.05
C GLU A 95 -11.59 12.72 1.33
N VAL A 96 -11.60 11.40 1.35
CA VAL A 96 -12.09 10.67 2.51
C VAL A 96 -11.15 10.92 3.72
N VAL A 97 -9.84 10.85 3.49
CA VAL A 97 -8.85 11.13 4.55
C VAL A 97 -9.12 12.50 5.15
N LEU A 98 -9.31 13.48 4.30
CA LEU A 98 -9.60 14.83 4.72
C LEU A 98 -10.85 14.89 5.62
N VAL A 99 -11.93 14.20 5.24
CA VAL A 99 -13.15 14.13 6.06
C VAL A 99 -12.86 13.40 7.38
N ARG A 100 -12.24 12.24 7.31
CA ARG A 100 -11.86 11.49 8.53
C ARG A 100 -11.04 12.29 9.51
N MET A 101 -10.29 13.26 8.99
CA MET A 101 -9.45 14.11 9.82
C MET A 101 -10.21 14.93 10.84
N CYS A 102 -11.47 15.27 10.57
CA CYS A 102 -12.22 16.13 11.49
C CYS A 102 -12.38 15.46 12.87
N ARG A 103 -12.39 14.14 12.90
CA ARG A 103 -12.44 13.40 14.15
C ARG A 103 -11.25 13.67 15.05
N ALA A 104 -10.09 13.88 14.43
CA ALA A 104 -8.85 14.06 15.16
C ALA A 104 -8.57 15.54 15.39
N TYR A 105 -9.59 16.40 15.22
CA TYR A 105 -9.43 17.84 15.32
C TYR A 105 -10.23 18.39 16.48
N ASN A 106 -9.60 19.23 17.30
CA ASN A 106 -10.23 19.80 18.50
C ASN A 106 -10.45 21.31 18.26
N ALA A 107 -11.72 21.70 18.13
CA ALA A 107 -12.11 23.09 17.80
C ALA A 107 -11.98 24.09 18.95
N ASP A 108 -11.92 23.59 20.18
CA ASP A 108 -11.78 24.47 21.34
C ASP A 108 -10.42 25.14 21.38
N ASN A 109 -9.37 24.41 21.01
CA ASN A 109 -8.01 24.95 20.97
C ASN A 109 -7.35 24.91 19.56
N ARG A 110 -8.12 24.54 18.53
CA ARG A 110 -7.65 24.50 17.14
C ARG A 110 -6.38 23.63 16.98
N THR A 111 -6.44 22.41 17.50
CA THR A 111 -5.36 21.46 17.38
C THR A 111 -5.83 20.18 16.72
N VAL A 112 -4.84 19.45 16.18
CA VAL A 112 -5.06 18.17 15.51
C VAL A 112 -4.12 17.11 16.10
N PHE A 113 -4.54 15.85 16.07
CA PHE A 113 -3.71 14.73 16.47
C PHE A 113 -2.58 14.42 15.46
N PHE A 114 -1.37 14.30 15.98
CA PHE A 114 -0.18 14.02 15.17
C PHE A 114 0.91 13.42 16.05
N GLU A 115 1.32 12.20 15.71
CA GLU A 115 2.41 11.53 16.38
C GLU A 115 2.21 11.50 17.90
N GLY A 116 1.03 11.08 18.35
CA GLY A 116 0.79 10.84 19.78
C GLY A 116 0.16 11.94 20.60
N LYS A 117 0.19 13.18 20.11
CA LYS A 117 -0.35 14.34 20.84
C LYS A 117 -1.08 15.30 19.92
N TYR A 118 -1.68 16.34 20.51
CA TYR A 118 -2.40 17.38 19.77
C TYR A 118 -1.47 18.56 19.65
N GLY A 119 -1.41 19.13 18.44
CA GLY A 119 -0.69 20.36 18.16
C GLY A 119 -1.46 21.23 17.17
N GLY A 120 -1.23 22.54 17.24
CA GLY A 120 -1.79 23.50 16.30
C GLY A 120 -1.05 23.50 14.96
N MET A 121 -1.50 24.36 14.05
CA MET A 121 -0.93 24.41 12.70
C MET A 121 0.52 24.88 12.62
N GLU A 122 0.98 25.61 13.64
CA GLU A 122 2.36 26.06 13.70
C GLU A 122 3.37 24.90 13.85
N LEU A 123 2.88 23.74 14.27
CA LEU A 123 3.67 22.52 14.30
C LEU A 123 4.26 22.14 12.94
N PHE A 124 3.54 22.49 11.86
CA PHE A 124 3.91 22.17 10.48
C PHE A 124 4.63 23.31 9.77
N ARG A 125 5.16 24.28 10.52
CA ARG A 125 5.81 25.42 9.90
C ARG A 125 6.93 25.03 8.89
N ALA A 126 7.74 24.00 9.16
CA ALA A 126 8.84 23.67 8.25
C ALA A 126 8.41 23.28 6.83
N LEU A 127 7.18 22.76 6.66
CA LEU A 127 6.61 22.47 5.34
C LEU A 127 6.48 23.69 4.43
N GLY A 128 6.41 24.88 5.01
CA GLY A 128 6.38 26.09 4.19
C GLY A 128 5.15 26.24 3.32
N CYS A 129 4.01 25.71 3.76
CA CYS A 129 2.73 25.98 3.09
C CYS A 129 1.61 26.20 4.09
N SER A 130 1.66 27.39 4.69
CA SER A 130 0.73 27.81 5.72
C SER A 130 -0.68 27.94 5.14
N GLU A 131 -0.81 28.35 3.87
CA GLU A 131 -2.13 28.38 3.19
C GLU A 131 -2.84 27.02 3.10
N LEU A 132 -2.18 26.03 2.52
CA LEU A 132 -2.78 24.70 2.44
C LEU A 132 -3.12 24.16 3.85
N ILE A 133 -2.21 24.35 4.79
CA ILE A 133 -2.43 23.85 6.12
C ILE A 133 -3.56 24.59 6.84
N SER A 134 -3.65 25.92 6.71
CA SER A 134 -4.79 26.64 7.32
C SER A 134 -6.11 26.22 6.70
N SER A 135 -6.13 26.04 5.38
CA SER A 135 -7.36 25.62 4.74
C SER A 135 -7.81 24.22 5.21
N ILE A 136 -6.86 23.32 5.45
CA ILE A 136 -7.20 22.01 6.00
C ILE A 136 -7.77 22.14 7.38
N PHE A 137 -7.13 23.01 8.17
CA PHE A 137 -7.62 23.35 9.52
C PHE A 137 -9.01 24.02 9.53
N ASP A 138 -9.24 24.96 8.63
CA ASP A 138 -10.56 25.61 8.45
C ASP A 138 -11.61 24.57 8.09
N PHE A 139 -11.28 23.71 7.13
CA PHE A 139 -12.22 22.67 6.70
C PHE A 139 -12.58 21.75 7.86
N SER A 140 -11.59 21.24 8.56
CA SER A 140 -11.85 20.41 9.75
C SER A 140 -12.61 21.16 10.83
N HIS A 141 -12.37 22.47 10.90
CA HIS A 141 -13.04 23.31 11.86
C HIS A 141 -14.53 23.42 11.54
N SER A 142 -14.84 23.69 10.27
CA SER A 142 -16.24 23.84 9.85
C SER A 142 -16.99 22.51 9.91
N LEU A 143 -16.30 21.40 9.64
CA LEU A 143 -16.89 20.06 9.87
C LEU A 143 -17.07 19.73 11.33
N SER A 144 -16.18 20.18 12.19
CA SER A 144 -16.30 19.89 13.63
C SER A 144 -17.56 20.48 14.27
N ALA A 145 -17.99 21.65 13.78
CA ALA A 145 -19.20 22.34 14.26
C ALA A 145 -20.48 21.54 14.07
N LEU A 146 -20.49 20.64 13.08
CA LEU A 146 -21.61 19.72 12.83
C LEU A 146 -21.71 18.53 13.81
N HIS A 147 -20.66 18.26 14.59
CA HIS A 147 -20.62 17.12 15.49
C HIS A 147 -20.94 15.81 14.78
N PHE A 148 -20.32 15.63 13.63
CA PHE A 148 -20.43 14.42 12.81
C PHE A 148 -20.32 13.16 13.67
N SER A 149 -21.36 12.34 13.67
CA SER A 149 -21.25 11.04 14.34
C SER A 149 -20.42 10.06 13.49
N GLU A 150 -19.90 9.04 14.15
CA GLU A 150 -19.15 7.97 13.46
C GLU A 150 -19.89 7.37 12.28
N ASP A 151 -21.19 7.12 12.46
CA ASP A 151 -21.98 6.54 11.38
C ASP A 151 -22.27 7.52 10.23
N GLU A 152 -22.49 8.81 10.53
CA GLU A 152 -22.66 9.83 9.48
C GLU A 152 -21.37 9.92 8.64
N ILE A 153 -20.22 9.87 9.28
CA ILE A 153 -18.94 9.86 8.61
C ILE A 153 -18.81 8.65 7.69
N ALA A 154 -19.10 7.45 8.21
CA ALA A 154 -19.11 6.22 7.43
C ALA A 154 -19.94 6.34 6.16
N LEU A 155 -21.19 6.74 6.31
CA LEU A 155 -22.11 6.85 5.18
C LEU A 155 -21.71 7.95 4.20
N TYR A 156 -21.33 9.10 4.74
CA TYR A 156 -20.89 10.21 3.94
C TYR A 156 -19.64 9.86 3.14
N THR A 157 -18.63 9.29 3.79
CA THR A 157 -17.40 8.94 3.08
C THR A 157 -17.60 7.82 2.09
N ALA A 158 -18.55 6.93 2.33
CA ALA A 158 -18.89 5.95 1.30
C ALA A 158 -19.38 6.67 0.05
N LEU A 159 -20.16 7.73 0.22
CA LEU A 159 -20.61 8.54 -0.92
C LEU A 159 -19.53 9.40 -1.60
N VAL A 160 -18.55 9.83 -0.85
CA VAL A 160 -17.43 10.52 -1.43
C VAL A 160 -16.72 9.60 -2.46
N LEU A 161 -16.61 8.32 -2.12
CA LEU A 161 -15.96 7.35 -3.00
C LEU A 161 -16.84 6.92 -4.16
N ILE A 162 -18.06 6.49 -3.86
CA ILE A 162 -18.93 5.88 -4.87
C ILE A 162 -19.68 6.97 -5.64
N ASN A 163 -18.92 7.65 -6.49
CA ASN A 163 -19.40 8.76 -7.29
C ASN A 163 -19.36 8.37 -8.78
N ALA A 164 -20.53 8.23 -9.39
CA ALA A 164 -20.67 7.86 -10.80
C ALA A 164 -20.29 8.95 -11.82
N HIS A 165 -20.01 10.16 -11.35
CA HIS A 165 -19.56 11.27 -12.19
C HIS A 165 -18.02 11.40 -12.27
N ARG A 166 -17.25 10.47 -11.70
CA ARG A 166 -15.78 10.48 -11.84
C ARG A 166 -15.44 10.19 -13.32
N PRO A 167 -14.58 11.02 -13.96
CA PRO A 167 -14.24 10.74 -15.36
C PRO A 167 -13.31 9.53 -15.49
N GLY A 168 -13.53 8.73 -16.53
CA GLY A 168 -12.75 7.52 -16.79
C GLY A 168 -13.48 6.22 -16.49
N LEU A 169 -14.71 6.28 -15.97
CA LEU A 169 -15.46 5.08 -15.56
C LEU A 169 -16.03 4.34 -16.77
N GLN A 170 -15.92 3.01 -16.78
CA GLN A 170 -16.47 2.17 -17.85
C GLN A 170 -17.90 1.71 -17.55
N GLU A 171 -18.12 1.12 -16.38
CA GLU A 171 -19.43 0.60 -15.99
C GLU A 171 -20.21 1.64 -15.15
N LYS A 172 -20.35 2.83 -15.75
CA LYS A 172 -21.00 4.02 -15.14
C LYS A 172 -22.30 3.66 -14.46
N ARG A 173 -23.10 2.84 -15.13
CA ARG A 173 -24.42 2.48 -14.62
C ARG A 173 -24.35 1.58 -13.38
N LYS A 174 -23.36 0.70 -13.27
CA LYS A 174 -23.23 -0.12 -12.05
C LYS A 174 -22.77 0.71 -10.86
N VAL A 175 -21.96 1.74 -11.12
CA VAL A 175 -21.57 2.66 -10.08
C VAL A 175 -22.77 3.55 -9.64
N GLU A 176 -23.61 3.96 -10.58
CA GLU A 176 -24.87 4.67 -10.28
C GLU A 176 -25.77 3.89 -9.33
N GLN A 177 -25.97 2.61 -9.63
CA GLN A 177 -26.80 1.73 -8.79
C GLN A 177 -26.25 1.74 -7.35
N LEU A 178 -24.94 1.65 -7.24
CA LEU A 178 -24.29 1.53 -5.95
C LEU A 178 -24.41 2.85 -5.18
N GLN A 179 -24.22 3.96 -5.91
CA GLN A 179 -24.38 5.29 -5.37
C GLN A 179 -25.81 5.54 -4.91
N TYR A 180 -26.75 5.13 -5.74
CA TYR A 180 -28.17 5.28 -5.43
C TYR A 180 -28.51 4.61 -4.13
N ASN A 181 -28.10 3.36 -3.97
CA ASN A 181 -28.37 2.63 -2.74
C ASN A 181 -27.70 3.22 -1.52
N LEU A 182 -26.48 3.70 -1.66
CA LEU A 182 -25.79 4.34 -0.54
C LEU A 182 -26.46 5.68 -0.13
N GLU A 183 -27.04 6.38 -1.09
CA GLU A 183 -27.76 7.62 -0.84
C GLU A 183 -29.05 7.36 -0.10
N LEU A 184 -29.79 6.35 -0.53
CA LEU A 184 -30.94 5.87 0.23
C LEU A 184 -30.57 5.54 1.68
N ALA A 185 -29.45 4.84 1.86
CA ALA A 185 -28.99 4.45 3.17
C ALA A 185 -28.67 5.67 4.03
N PHE A 186 -27.91 6.60 3.47
CA PHE A 186 -27.52 7.81 4.18
C PHE A 186 -28.77 8.60 4.60
N HIS A 187 -29.67 8.82 3.66
CA HIS A 187 -30.91 9.57 3.93
C HIS A 187 -31.88 8.89 4.88
N HIS A 188 -32.12 7.60 4.69
CA HIS A 188 -32.89 6.81 5.66
C HIS A 188 -32.34 6.98 7.07
N HIS A 189 -31.04 6.76 7.21
CA HIS A 189 -30.38 6.86 8.50
C HIS A 189 -30.45 8.24 9.17
N LEU A 190 -30.29 9.31 8.38
CA LEU A 190 -30.48 10.67 8.91
C LEU A 190 -31.91 10.84 9.41
N CYS A 191 -32.87 10.34 8.67
CA CYS A 191 -34.28 10.29 9.10
C CYS A 191 -34.50 9.67 10.48
N LYS A 192 -34.09 8.42 10.62
CA LYS A 192 -34.21 7.64 11.85
C LYS A 192 -33.51 8.26 13.05
N THR A 193 -32.37 8.90 12.83
CA THR A 193 -31.62 9.59 13.86
C THR A 193 -31.96 11.10 14.04
N HIS A 194 -32.97 11.62 13.32
CA HIS A 194 -33.34 13.05 13.36
C HIS A 194 -32.18 14.01 13.04
N ARG A 195 -31.31 13.61 12.12
CA ARG A 195 -30.14 14.39 11.73
C ARG A 195 -30.17 14.91 10.27
N GLN A 196 -31.38 14.99 9.70
CA GLN A 196 -31.63 15.63 8.39
C GLN A 196 -30.96 16.99 8.20
N SER A 197 -30.92 17.77 9.27
CA SER A 197 -30.36 19.13 9.29
C SER A 197 -28.94 19.25 8.81
N ILE A 198 -28.14 18.20 8.94
CA ILE A 198 -26.75 18.30 8.49
C ILE A 198 -26.63 18.34 6.96
N LEU A 199 -27.64 17.85 6.22
CA LEU A 199 -27.53 17.75 4.77
C LEU A 199 -27.15 19.10 4.16
N ALA A 200 -27.92 20.13 4.50
CA ALA A 200 -27.68 21.49 4.02
C ALA A 200 -26.37 22.15 4.50
N LYS A 201 -25.63 21.51 5.42
CA LYS A 201 -24.36 22.05 5.95
C LYS A 201 -23.11 21.29 5.55
N LEU A 202 -23.28 20.15 4.92
CA LEU A 202 -22.15 19.41 4.36
C LEU A 202 -21.45 20.25 3.28
N PRO A 203 -20.11 20.18 3.20
CA PRO A 203 -19.44 20.96 2.16
C PRO A 203 -19.83 20.48 0.75
N PRO A 204 -19.95 21.41 -0.23
CA PRO A 204 -20.24 20.99 -1.63
C PRO A 204 -19.19 19.99 -2.16
N LYS A 205 -19.59 19.09 -3.05
CA LYS A 205 -18.70 17.99 -3.50
C LYS A 205 -17.49 18.45 -4.35
N GLY A 206 -17.62 19.60 -5.03
CA GLY A 206 -16.50 20.26 -5.70
C GLY A 206 -15.54 21.02 -4.77
N LYS A 207 -16.01 21.34 -3.57
CA LYS A 207 -15.18 21.97 -2.49
C LYS A 207 -14.15 20.99 -1.87
N LEU A 208 -14.49 19.71 -1.81
CA LEU A 208 -13.54 18.65 -1.41
C LEU A 208 -12.44 18.52 -2.48
N ARG A 209 -12.87 18.47 -3.75
CA ARG A 209 -11.95 18.34 -4.90
C ARG A 209 -11.06 19.58 -5.19
N SER A 210 -11.42 20.77 -4.68
CA SER A 210 -10.60 22.00 -4.83
C SER A 210 -9.40 22.12 -3.85
N LEU A 211 -9.52 21.50 -2.66
CA LEU A 211 -8.41 21.36 -1.69
C LEU A 211 -7.42 20.24 -2.03
N CYS A 212 -7.88 19.23 -2.79
CA CYS A 212 -7.01 18.17 -3.33
C CYS A 212 -6.31 18.52 -4.67
N SER A 213 -6.69 19.65 -5.29
CA SER A 213 -5.96 20.20 -6.45
C SER A 213 -4.60 20.72 -6.02
N GLN A 214 -4.62 21.60 -5.02
CA GLN A 214 -3.41 22.22 -4.49
C GLN A 214 -2.58 21.27 -3.62
N HIS A 215 -3.24 20.25 -3.04
CA HIS A 215 -2.56 19.09 -2.41
C HIS A 215 -1.56 18.48 -3.43
N VAL A 216 -2.08 18.09 -4.61
CA VAL A 216 -1.27 17.39 -5.64
C VAL A 216 -0.21 18.33 -6.29
N GLU A 217 -0.49 19.64 -6.31
CA GLU A 217 0.53 20.65 -6.67
C GLU A 217 1.61 20.77 -5.58
N ALA B 1 20.37 4.13 -28.77
CA ALA B 1 21.15 4.02 -27.48
C ALA B 1 22.58 3.47 -27.73
N SER B 2 23.56 3.99 -26.98
CA SER B 2 24.93 3.42 -26.95
C SER B 2 25.21 2.63 -25.64
N LEU B 3 26.42 2.08 -25.54
CA LEU B 3 26.78 1.17 -24.46
C LEU B 3 27.09 1.85 -23.12
N THR B 4 27.57 3.09 -23.17
CA THR B 4 27.69 3.89 -21.95
C THR B 4 26.30 4.17 -21.36
N GLU B 5 25.29 4.41 -22.20
CA GLU B 5 23.93 4.65 -21.71
C GLU B 5 23.36 3.40 -21.06
N ILE B 6 23.66 2.22 -21.64
CA ILE B 6 23.28 0.96 -21.02
C ILE B 6 23.94 0.78 -19.65
N GLU B 7 25.23 1.10 -19.53
CA GLU B 7 25.87 1.10 -18.22
C GLU B 7 25.14 2.02 -17.23
N HIS B 8 24.69 3.20 -17.70
CA HIS B 8 23.91 4.08 -16.85
C HIS B 8 22.60 3.43 -16.39
N LEU B 9 21.96 2.67 -17.27
CA LEU B 9 20.74 1.94 -16.94
C LEU B 9 21.01 0.82 -15.91
N VAL B 10 22.15 0.14 -16.03
CA VAL B 10 22.54 -0.88 -15.08
C VAL B 10 22.70 -0.25 -13.71
N GLN B 11 23.46 0.84 -13.68
CA GLN B 11 23.75 1.49 -12.41
C GLN B 11 22.48 1.99 -11.71
N SER B 12 21.58 2.53 -12.51
CA SER B 12 20.33 3.08 -12.03
C SER B 12 19.41 2.00 -11.42
N VAL B 13 19.29 0.87 -12.13
CA VAL B 13 18.50 -0.27 -11.67
C VAL B 13 19.08 -0.82 -10.36
N CYS B 14 20.41 -1.00 -10.30
CA CYS B 14 21.07 -1.43 -9.07
C CYS B 14 20.93 -0.47 -7.90
N LYS B 15 20.85 0.83 -8.21
CA LYS B 15 20.63 1.81 -7.17
C LYS B 15 19.21 1.69 -6.62
N SER B 16 18.22 1.62 -7.51
CA SER B 16 16.81 1.47 -7.11
C SER B 16 16.55 0.23 -6.29
N TYR B 17 17.13 -0.88 -6.74
CA TYR B 17 17.10 -2.09 -5.97
C TYR B 17 17.66 -1.86 -4.55
N ARG B 18 18.87 -1.34 -4.46
CA ARG B 18 19.53 -1.04 -3.19
C ARG B 18 18.72 -0.13 -2.28
N GLU B 19 18.02 0.82 -2.87
CA GLU B 19 17.19 1.72 -2.10
C GLU B 19 15.88 1.06 -1.63
N THR B 20 15.48 -0.06 -2.22
CA THR B 20 14.17 -0.66 -2.00
C THR B 20 14.23 -2.15 -1.59
N CYS B 21 15.38 -2.63 -1.13
CA CYS B 21 15.56 -4.07 -0.88
C CYS B 21 15.05 -4.50 0.48
N GLN B 22 14.74 -3.52 1.35
CA GLN B 22 14.13 -3.74 2.67
C GLN B 22 15.10 -4.32 3.69
N LEU B 23 15.60 -5.52 3.39
CA LEU B 23 16.56 -6.22 4.23
C LEU B 23 17.89 -6.11 3.54
N ARG B 24 18.83 -5.39 4.17
CA ARG B 24 20.24 -5.33 3.72
C ARG B 24 20.88 -6.71 3.79
N LEU B 25 21.57 -7.10 2.72
CA LEU B 25 22.26 -8.40 2.65
C LEU B 25 23.22 -8.64 3.82
N GLU B 26 23.93 -7.60 4.23
CA GLU B 26 24.92 -7.70 5.30
C GLU B 26 24.27 -8.11 6.62
N ASP B 27 23.16 -7.47 6.97
CA ASP B 27 22.42 -7.84 8.16
C ASP B 27 21.87 -9.28 8.07
N LEU B 28 21.36 -9.67 6.91
CA LEU B 28 20.83 -11.03 6.72
C LEU B 28 21.89 -12.09 6.95
N LEU B 29 23.04 -11.96 6.30
CA LEU B 29 24.17 -12.89 6.54
C LEU B 29 24.65 -12.86 8.01
N ARG B 30 24.66 -11.67 8.62
CA ARG B 30 25.06 -11.48 10.03
C ARG B 30 24.15 -12.23 10.99
N GLN B 31 22.85 -12.25 10.67
CA GLN B 31 21.83 -12.87 11.48
C GLN B 31 21.67 -14.38 11.26
N ARG B 32 22.38 -14.96 10.29
CA ARG B 32 22.25 -16.41 9.99
C ARG B 32 22.46 -17.30 11.20
N SER B 33 23.39 -16.92 12.08
CA SER B 33 23.70 -17.67 13.30
C SER B 33 22.66 -17.52 14.39
N ASN B 34 21.76 -16.54 14.24
CA ASN B 34 20.71 -16.25 15.19
C ASN B 34 19.44 -17.06 14.78
N ILE B 35 19.24 -18.22 15.41
CA ILE B 35 18.32 -19.24 14.93
C ILE B 35 17.29 -19.53 16.02
N PHE B 36 16.00 -19.64 15.62
CA PHE B 36 14.95 -19.90 16.59
C PHE B 36 15.24 -21.19 17.38
N SER B 37 15.18 -21.08 18.70
CA SER B 37 15.29 -22.22 19.60
C SER B 37 14.05 -23.09 19.45
N ARG B 38 14.15 -24.34 19.89
CA ARG B 38 13.03 -25.27 19.81
C ARG B 38 11.80 -24.78 20.58
N GLU B 39 12.02 -24.04 21.66
CA GLU B 39 10.92 -23.48 22.47
C GLU B 39 10.21 -22.42 21.66
N GLU B 40 10.96 -21.60 20.94
CA GLU B 40 10.39 -20.55 20.13
C GLU B 40 9.58 -21.11 18.92
N VAL B 41 10.14 -22.13 18.28
CA VAL B 41 9.47 -22.87 17.21
C VAL B 41 8.12 -23.41 17.69
N THR B 42 8.14 -24.03 18.87
CA THR B 42 6.94 -24.61 19.45
C THR B 42 5.92 -23.50 19.67
N GLY B 43 6.40 -22.33 20.08
CA GLY B 43 5.55 -21.15 20.24
C GLY B 43 4.83 -20.76 18.96
N TYR B 44 5.57 -20.68 17.86
CA TYR B 44 4.99 -20.40 16.55
C TYR B 44 4.06 -21.52 16.09
N GLN B 45 4.46 -22.77 16.37
CA GLN B 45 3.63 -23.91 16.03
C GLN B 45 2.29 -23.93 16.74
N ARG B 46 2.24 -23.40 17.96
CA ARG B 46 1.03 -23.45 18.75
C ARG B 46 0.06 -22.33 18.33
N LYS B 47 0.59 -21.32 17.65
CA LYS B 47 -0.26 -20.22 17.24
C LYS B 47 -1.37 -20.69 16.33
N SER B 48 -2.46 -19.95 16.34
CA SER B 48 -3.55 -20.16 15.42
C SER B 48 -3.10 -19.93 13.94
N MET B 49 -3.64 -20.71 13.01
CA MET B 49 -3.48 -20.40 11.57
C MET B 49 -3.85 -18.94 11.26
N TRP B 50 -4.89 -18.43 11.91
CA TRP B 50 -5.28 -17.06 11.70
C TRP B 50 -4.22 -16.06 12.11
N GLU B 51 -3.57 -16.32 13.23
CA GLU B 51 -2.54 -15.44 13.70
C GLU B 51 -1.35 -15.53 12.79
N MET B 52 -0.99 -16.76 12.40
CA MET B 52 0.14 -16.92 11.48
C MET B 52 -0.15 -16.28 10.13
N TRP B 53 -1.35 -16.47 9.56
CA TRP B 53 -1.75 -15.78 8.33
C TRP B 53 -1.57 -14.28 8.48
N GLU B 54 -2.10 -13.70 9.55
CA GLU B 54 -2.00 -12.25 9.70
C GLU B 54 -0.57 -11.71 9.74
N ARG B 55 0.35 -12.42 10.38
CA ARG B 55 1.74 -12.00 10.44
C ARG B 55 2.37 -12.14 9.08
N CYS B 56 2.23 -13.31 8.46
CA CYS B 56 2.81 -13.55 7.14
C CYS B 56 2.27 -12.58 6.11
N ALA B 57 0.95 -12.40 6.11
CA ALA B 57 0.26 -11.44 5.22
C ALA B 57 0.78 -10.03 5.41
N HIS B 58 0.91 -9.62 6.66
CA HIS B 58 1.48 -8.33 6.96
C HIS B 58 2.90 -8.17 6.36
N HIS B 59 3.78 -9.15 6.59
CA HIS B 59 5.19 -8.98 6.26
C HIS B 59 5.38 -9.06 4.76
N LEU B 60 4.67 -9.99 4.14
CA LEU B 60 4.68 -10.12 2.69
C LEU B 60 4.03 -8.93 1.98
N THR B 61 3.01 -8.34 2.55
CA THR B 61 2.38 -7.16 1.95
C THR B 61 3.35 -6.01 2.00
N GLU B 62 4.07 -5.88 3.10
CA GLU B 62 5.14 -4.89 3.24
C GLU B 62 6.22 -5.12 2.16
N ALA B 63 6.60 -6.38 1.95
CA ALA B 63 7.58 -6.73 0.93
C ALA B 63 7.11 -6.37 -0.47
N ILE B 64 5.81 -6.56 -0.71
CA ILE B 64 5.22 -6.19 -2.00
C ILE B 64 5.34 -4.68 -2.23
N GLN B 65 5.12 -3.89 -1.18
CA GLN B 65 5.21 -2.44 -1.29
C GLN B 65 6.64 -1.99 -1.69
N TYR B 66 7.64 -2.70 -1.18
CA TYR B 66 9.02 -2.41 -1.54
C TYR B 66 9.27 -2.71 -3.02
N VAL B 67 8.64 -3.77 -3.53
CA VAL B 67 8.72 -4.09 -4.94
C VAL B 67 7.99 -3.03 -5.76
N VAL B 68 6.86 -2.54 -5.27
CA VAL B 68 6.17 -1.40 -5.93
C VAL B 68 7.07 -0.17 -6.03
N GLU B 69 7.77 0.17 -4.95
CA GLU B 69 8.73 1.27 -4.98
C GLU B 69 9.89 1.01 -5.94
N PHE B 70 10.42 -0.21 -5.94
CA PHE B 70 11.46 -0.60 -6.87
C PHE B 70 11.01 -0.23 -8.28
N ALA B 71 9.85 -0.75 -8.68
CA ALA B 71 9.28 -0.48 -10.00
C ALA B 71 9.15 1.01 -10.30
N LYS B 72 8.66 1.77 -9.33
CA LYS B 72 8.48 3.20 -9.55
C LYS B 72 9.79 3.93 -9.86
N ARG B 73 10.93 3.35 -9.50
CA ARG B 73 12.26 3.94 -9.78
C ARG B 73 12.97 3.37 -10.99
N LEU B 74 12.33 2.46 -11.72
CA LEU B 74 12.86 1.96 -12.97
C LEU B 74 12.54 2.95 -14.09
N SER B 75 13.54 3.29 -14.91
CA SER B 75 13.42 4.31 -15.96
C SER B 75 12.35 3.85 -16.93
N GLY B 76 11.38 4.71 -17.19
CA GLY B 76 10.35 4.41 -18.16
C GLY B 76 9.09 3.84 -17.54
N PHE B 77 9.22 3.17 -16.39
CA PHE B 77 8.08 2.55 -15.76
C PHE B 77 6.99 3.56 -15.46
N MET B 78 7.36 4.70 -14.88
CA MET B 78 6.38 5.76 -14.57
C MET B 78 5.82 6.39 -15.85
N GLU B 79 6.64 6.44 -16.88
CA GLU B 79 6.20 6.91 -18.19
C GLU B 79 5.19 5.99 -18.89
N LEU B 80 5.12 4.71 -18.49
CA LEU B 80 4.06 3.79 -18.99
C LEU B 80 2.70 4.27 -18.50
N CYS B 81 1.65 3.80 -19.16
CA CYS B 81 0.30 4.22 -18.82
C CYS B 81 -0.17 3.44 -17.59
N GLN B 82 -1.18 4.01 -16.96
CA GLN B 82 -1.78 3.54 -15.71
C GLN B 82 -2.11 2.06 -15.75
N ASN B 83 -2.87 1.67 -16.78
CA ASN B 83 -3.36 0.29 -16.95
C ASN B 83 -2.18 -0.67 -16.97
N ASP B 84 -1.14 -0.32 -17.73
CA ASP B 84 0.01 -1.18 -17.94
C ASP B 84 0.89 -1.31 -16.69
N GLN B 85 1.04 -0.22 -15.95
CA GLN B 85 1.76 -0.28 -14.68
C GLN B 85 1.13 -1.29 -13.76
N ILE B 86 -0.20 -1.28 -13.71
CA ILE B 86 -0.96 -2.13 -12.81
C ILE B 86 -0.92 -3.57 -13.31
N VAL B 87 -1.05 -3.78 -14.62
CA VAL B 87 -0.94 -5.14 -15.20
C VAL B 87 0.42 -5.77 -14.82
N LEU B 88 1.49 -5.01 -14.99
CA LEU B 88 2.84 -5.51 -14.70
C LEU B 88 3.04 -5.88 -13.24
N LEU B 89 2.56 -5.03 -12.33
CA LEU B 89 2.70 -5.27 -10.87
C LEU B 89 1.83 -6.41 -10.34
N LYS B 90 0.59 -6.45 -10.80
CA LYS B 90 -0.35 -7.52 -10.45
C LYS B 90 0.27 -8.89 -10.83
N ALA B 91 0.84 -9.00 -12.02
CA ALA B 91 1.42 -10.25 -12.45
C ALA B 91 2.81 -10.52 -11.83
N GLY B 92 3.60 -9.46 -11.63
CA GLY B 92 5.02 -9.62 -11.34
C GLY B 92 5.52 -9.44 -9.93
N ALA B 93 4.82 -8.61 -9.15
CA ALA B 93 5.27 -8.29 -7.80
C ALA B 93 5.56 -9.51 -6.90
N MET B 94 4.66 -10.49 -6.86
CA MET B 94 4.87 -11.67 -5.98
C MET B 94 6.04 -12.51 -6.48
N GLU B 95 6.13 -12.66 -7.79
CA GLU B 95 7.26 -13.31 -8.42
C GLU B 95 8.57 -12.63 -7.99
N VAL B 96 8.61 -11.29 -7.91
CA VAL B 96 9.82 -10.62 -7.43
C VAL B 96 10.08 -10.89 -5.95
N VAL B 97 9.01 -10.87 -5.16
CA VAL B 97 9.14 -11.19 -3.75
C VAL B 97 9.74 -12.59 -3.57
N LEU B 98 9.29 -13.51 -4.40
CA LEU B 98 9.79 -14.89 -4.36
C LEU B 98 11.30 -14.94 -4.67
N VAL B 99 11.73 -14.20 -5.70
CA VAL B 99 13.13 -14.15 -6.03
C VAL B 99 13.95 -13.47 -4.93
N ARG B 100 13.50 -12.30 -4.49
CA ARG B 100 14.22 -11.63 -3.40
C ARG B 100 14.39 -12.50 -2.14
N MET B 101 13.44 -13.39 -1.89
CA MET B 101 13.49 -14.24 -0.71
C MET B 101 14.74 -15.10 -0.59
N CYS B 102 15.33 -15.52 -1.73
CA CYS B 102 16.54 -16.38 -1.67
C CYS B 102 17.70 -15.76 -0.88
N ARG B 103 17.72 -14.43 -0.80
CA ARG B 103 18.67 -13.68 0.01
C ARG B 103 18.53 -13.94 1.48
N ALA B 104 17.31 -14.19 1.92
CA ALA B 104 17.01 -14.42 3.32
C ALA B 104 16.99 -15.92 3.68
N TYR B 105 17.38 -16.76 2.74
CA TYR B 105 17.39 -18.20 2.91
C TYR B 105 18.83 -18.72 3.07
N ASN B 106 19.01 -19.70 3.96
CA ASN B 106 20.32 -20.27 4.26
C ASN B 106 20.30 -21.75 3.94
N ALA B 107 20.94 -22.08 2.81
CA ALA B 107 20.98 -23.46 2.31
C ALA B 107 21.77 -24.45 3.20
N ASP B 108 22.70 -23.95 4.02
CA ASP B 108 23.44 -24.85 4.94
C ASP B 108 22.49 -25.61 5.85
N ASN B 109 21.51 -24.92 6.42
CA ASN B 109 20.58 -25.53 7.41
C ASN B 109 19.10 -25.46 7.02
N ARG B 110 18.82 -25.05 5.78
CA ARG B 110 17.44 -24.98 5.27
C ARG B 110 16.52 -24.09 6.09
N THR B 111 17.03 -22.92 6.45
CA THR B 111 16.26 -21.91 7.18
C THR B 111 16.05 -20.61 6.39
N VAL B 112 15.06 -19.86 6.83
CA VAL B 112 14.71 -18.55 6.28
C VAL B 112 14.52 -17.51 7.40
N PHE B 113 14.79 -16.26 7.08
CA PHE B 113 14.63 -15.16 7.99
C PHE B 113 13.13 -14.87 8.15
N PHE B 114 12.68 -14.89 9.40
CA PHE B 114 11.31 -14.54 9.76
C PHE B 114 11.27 -13.94 11.17
N GLU B 115 10.80 -12.71 11.27
CA GLU B 115 10.60 -12.02 12.57
C GLU B 115 11.84 -11.94 13.46
N GLY B 116 12.99 -11.68 12.85
CA GLY B 116 14.19 -11.34 13.61
C GLY B 116 15.19 -12.47 13.76
N LYS B 117 14.76 -13.70 13.49
CA LYS B 117 15.66 -14.87 13.54
C LYS B 117 15.43 -15.78 12.34
N TYR B 118 16.21 -16.84 12.26
CA TYR B 118 16.07 -17.88 11.22
C TYR B 118 15.32 -19.10 11.78
N GLY B 119 14.37 -19.60 10.97
CA GLY B 119 13.72 -20.87 11.23
C GLY B 119 13.52 -21.73 9.99
N GLY B 120 13.33 -23.01 10.21
CA GLY B 120 13.05 -23.96 9.15
C GLY B 120 11.59 -23.94 8.79
N MET B 121 11.20 -24.82 7.87
CA MET B 121 9.83 -24.83 7.39
C MET B 121 8.79 -25.22 8.43
N GLU B 122 9.19 -26.01 9.41
CA GLU B 122 8.30 -26.44 10.49
C GLU B 122 7.82 -25.28 11.37
N LEU B 123 8.53 -24.16 11.34
CA LEU B 123 8.05 -22.93 11.96
C LEU B 123 6.61 -22.54 11.56
N PHE B 124 6.27 -22.86 10.32
CA PHE B 124 5.03 -22.44 9.69
C PHE B 124 3.96 -23.52 9.68
N ARG B 125 4.11 -24.52 10.55
CA ARG B 125 3.19 -25.64 10.62
C ARG B 125 1.72 -25.23 10.78
N ALA B 126 1.44 -24.19 11.54
CA ALA B 126 0.05 -23.78 11.81
C ALA B 126 -0.69 -23.36 10.55
N LEU B 127 0.03 -22.88 9.54
CA LEU B 127 -0.62 -22.53 8.27
C LEU B 127 -1.27 -23.73 7.55
N GLY B 128 -0.83 -24.96 7.83
CA GLY B 128 -1.37 -26.15 7.14
C GLY B 128 -1.20 -26.08 5.62
N CYS B 129 -0.03 -25.68 5.17
CA CYS B 129 0.27 -25.50 3.74
C CYS B 129 1.66 -25.98 3.53
N SER B 130 1.93 -27.22 3.90
CA SER B 130 3.28 -27.77 3.80
C SER B 130 3.73 -27.84 2.33
N GLU B 131 2.80 -28.01 1.39
CA GLU B 131 3.16 -28.05 -0.04
C GLU B 131 3.61 -26.66 -0.53
N LEU B 132 2.80 -25.65 -0.30
CA LEU B 132 3.19 -24.25 -0.60
C LEU B 132 4.58 -23.89 -0.03
N ILE B 133 4.82 -24.25 1.22
CA ILE B 133 6.02 -23.86 1.92
C ILE B 133 7.26 -24.65 1.47
N SER B 134 7.11 -25.96 1.30
CA SER B 134 8.21 -26.78 0.79
C SER B 134 8.63 -26.29 -0.61
N SER B 135 7.65 -26.01 -1.46
CA SER B 135 7.98 -25.52 -2.78
C SER B 135 8.66 -24.14 -2.73
N ILE B 136 8.27 -23.25 -1.81
CA ILE B 136 8.97 -21.96 -1.65
C ILE B 136 10.39 -22.18 -1.13
N PHE B 137 10.52 -23.09 -0.17
CA PHE B 137 11.85 -23.48 0.32
C PHE B 137 12.71 -24.15 -0.74
N ASP B 138 12.12 -25.04 -1.55
CA ASP B 138 12.85 -25.73 -2.65
C ASP B 138 13.31 -24.76 -3.73
N PHE B 139 12.43 -23.86 -4.12
CA PHE B 139 12.77 -22.80 -5.08
C PHE B 139 13.91 -21.90 -4.58
N SER B 140 13.80 -21.44 -3.34
CA SER B 140 14.86 -20.64 -2.73
C SER B 140 16.16 -21.42 -2.64
N HIS B 141 16.07 -22.73 -2.43
CA HIS B 141 17.26 -23.57 -2.30
C HIS B 141 17.98 -23.62 -3.62
N SER B 142 17.21 -23.88 -4.68
CA SER B 142 17.76 -23.92 -6.01
C SER B 142 18.35 -22.58 -6.45
N LEU B 143 17.70 -21.45 -6.15
CA LEU B 143 18.31 -20.14 -6.46
C LEU B 143 19.57 -19.86 -5.64
N SER B 144 19.61 -20.34 -4.41
CA SER B 144 20.81 -20.17 -3.58
C SER B 144 22.04 -20.81 -4.16
N ALA B 145 21.85 -21.90 -4.89
CA ALA B 145 22.93 -22.60 -5.57
C ALA B 145 23.68 -21.67 -6.54
N LEU B 146 22.96 -20.73 -7.17
CA LEU B 146 23.57 -19.78 -8.11
C LEU B 146 24.49 -18.70 -7.48
N HIS B 147 24.35 -18.47 -6.17
CA HIS B 147 25.02 -17.36 -5.48
C HIS B 147 24.80 -16.00 -6.17
N PHE B 148 23.53 -15.72 -6.46
CA PHE B 148 23.12 -14.46 -7.06
C PHE B 148 23.73 -13.28 -6.31
N SER B 149 24.42 -12.37 -7.02
CA SER B 149 24.85 -11.08 -6.46
C SER B 149 23.67 -10.11 -6.34
N GLU B 150 23.83 -9.09 -5.51
CA GLU B 150 22.79 -8.06 -5.37
C GLU B 150 22.41 -7.42 -6.70
N ASP B 151 23.39 -7.20 -7.57
CA ASP B 151 23.11 -6.60 -8.86
C ASP B 151 22.43 -7.59 -9.85
N GLU B 152 22.77 -8.88 -9.78
CA GLU B 152 22.10 -9.90 -10.60
C GLU B 152 20.62 -9.95 -10.24
N ILE B 153 20.33 -9.96 -8.94
CA ILE B 153 18.95 -9.94 -8.46
C ILE B 153 18.21 -8.70 -8.96
N ALA B 154 18.85 -7.53 -8.88
CA ALA B 154 18.27 -6.27 -9.31
C ALA B 154 17.87 -6.30 -10.76
N LEU B 155 18.82 -6.71 -11.61
CA LEU B 155 18.55 -6.76 -13.04
C LEU B 155 17.53 -7.85 -13.40
N TYR B 156 17.66 -9.02 -12.81
CA TYR B 156 16.75 -10.11 -13.08
C TYR B 156 15.32 -9.75 -12.68
N THR B 157 15.14 -9.15 -11.51
CA THR B 157 13.80 -8.81 -11.04
C THR B 157 13.17 -7.65 -11.79
N ALA B 158 13.99 -6.76 -12.34
CA ALA B 158 13.48 -5.75 -13.26
C ALA B 158 12.85 -6.41 -14.49
N LEU B 159 13.50 -7.45 -15.01
CA LEU B 159 12.94 -8.22 -16.12
C LEU B 159 11.75 -9.09 -15.78
N VAL B 160 11.69 -9.56 -14.54
CA VAL B 160 10.49 -10.24 -14.06
C VAL B 160 9.29 -9.30 -14.16
N LEU B 161 9.48 -8.03 -13.83
CA LEU B 161 8.41 -7.05 -13.84
C LEU B 161 8.13 -6.53 -15.23
N ILE B 162 9.19 -6.15 -15.97
CA ILE B 162 9.03 -5.52 -17.26
C ILE B 162 8.97 -6.59 -18.33
N ASN B 163 7.76 -7.10 -18.56
CA ASN B 163 7.54 -8.24 -19.44
C ASN B 163 6.34 -7.96 -20.36
N ALA B 164 6.62 -7.79 -21.63
CA ALA B 164 5.60 -7.43 -22.61
C ALA B 164 4.60 -8.55 -22.99
N HIS B 165 4.76 -9.76 -22.45
CA HIS B 165 3.84 -10.86 -22.73
C HIS B 165 2.69 -10.94 -21.73
N ARG B 166 2.66 -10.06 -20.73
CA ARG B 166 1.58 -10.08 -19.76
C ARG B 166 0.28 -9.82 -20.50
N PRO B 167 -0.71 -10.72 -20.39
CA PRO B 167 -1.99 -10.41 -21.03
C PRO B 167 -2.63 -9.17 -20.40
N GLY B 168 -3.28 -8.34 -21.21
CA GLY B 168 -4.02 -7.15 -20.74
C GLY B 168 -3.35 -5.79 -20.96
N LEU B 169 -2.10 -5.79 -21.44
CA LEU B 169 -1.34 -4.57 -21.74
C LEU B 169 -1.94 -3.84 -22.93
N GLN B 170 -1.98 -2.51 -22.86
CA GLN B 170 -2.52 -1.66 -23.92
C GLN B 170 -1.48 -0.99 -24.78
N GLU B 171 -0.26 -0.85 -24.29
CA GLU B 171 0.83 -0.29 -25.07
C GLU B 171 2.00 -1.26 -25.04
N LYS B 172 1.74 -2.44 -25.59
CA LYS B 172 2.69 -3.56 -25.68
C LYS B 172 4.09 -3.14 -26.21
N ARG B 173 4.12 -2.32 -27.25
CA ARG B 173 5.39 -1.86 -27.82
C ARG B 173 6.24 -0.97 -26.89
N LYS B 174 5.58 -0.12 -26.12
CA LYS B 174 6.27 0.74 -25.13
C LYS B 174 7.00 -0.12 -24.09
N VAL B 175 6.30 -1.15 -23.61
CA VAL B 175 6.85 -2.11 -22.64
C VAL B 175 7.99 -2.96 -23.24
N GLU B 176 7.86 -3.32 -24.52
CA GLU B 176 8.93 -4.03 -25.25
C GLU B 176 10.21 -3.22 -25.31
N GLN B 177 10.08 -1.95 -25.65
CA GLN B 177 11.22 -1.04 -25.65
C GLN B 177 11.99 -1.21 -24.35
N LEU B 178 11.28 -1.08 -23.22
CA LEU B 178 11.93 -1.18 -21.93
C LEU B 178 12.51 -2.53 -21.69
N GLN B 179 11.76 -3.56 -22.04
CA GLN B 179 12.23 -4.92 -21.80
C GLN B 179 13.57 -5.14 -22.53
N TYR B 180 13.64 -4.74 -23.79
CA TYR B 180 14.83 -5.01 -24.60
C TYR B 180 16.05 -4.30 -24.09
N ASN B 181 15.89 -3.06 -23.62
CA ASN B 181 17.03 -2.35 -23.06
C ASN B 181 17.50 -3.01 -21.76
N LEU B 182 16.54 -3.49 -20.97
CA LEU B 182 16.86 -4.16 -19.70
C LEU B 182 17.50 -5.51 -19.93
N GLU B 183 17.13 -6.19 -21.01
CA GLU B 183 17.78 -7.45 -21.40
C GLU B 183 19.23 -7.22 -21.83
N LEU B 184 19.46 -6.17 -22.60
CA LEU B 184 20.80 -5.79 -22.99
C LEU B 184 21.62 -5.44 -21.75
N ALA B 185 21.03 -4.62 -20.87
CA ALA B 185 21.71 -4.18 -19.68
C ALA B 185 22.16 -5.40 -18.85
N PHE B 186 21.26 -6.37 -18.71
CA PHE B 186 21.55 -7.60 -17.97
C PHE B 186 22.66 -8.44 -18.64
N HIS B 187 22.51 -8.75 -19.93
CA HIS B 187 23.53 -9.49 -20.69
C HIS B 187 24.88 -8.81 -20.63
N HIS B 188 24.88 -7.50 -20.82
CA HIS B 188 26.09 -6.73 -20.79
C HIS B 188 26.76 -6.83 -19.43
N HIS B 189 26.00 -6.64 -18.36
CA HIS B 189 26.58 -6.68 -17.02
C HIS B 189 27.16 -8.07 -16.65
N LEU B 190 26.48 -9.12 -17.03
CA LEU B 190 27.01 -10.47 -16.82
C LEU B 190 28.33 -10.67 -17.56
N CYS B 191 28.45 -10.08 -18.74
CA CYS B 191 29.71 -10.17 -19.47
C CYS B 191 30.81 -9.37 -18.77
N LYS B 192 30.52 -8.16 -18.29
CA LYS B 192 31.48 -7.36 -17.52
C LYS B 192 31.97 -8.06 -16.23
N THR B 193 31.09 -8.84 -15.60
CA THR B 193 31.41 -9.57 -14.37
C THR B 193 31.77 -11.04 -14.58
N HIS B 194 31.91 -11.48 -15.84
CA HIS B 194 32.18 -12.90 -16.16
C HIS B 194 31.21 -13.90 -15.52
N ARG B 195 29.94 -13.55 -15.51
CA ARG B 195 28.89 -14.37 -14.93
C ARG B 195 27.86 -14.85 -15.96
N GLN B 196 28.25 -14.88 -17.25
CA GLN B 196 27.38 -15.36 -18.35
C GLN B 196 26.76 -16.75 -18.10
N SER B 197 27.43 -17.58 -17.31
CA SER B 197 27.00 -18.94 -17.06
C SER B 197 25.72 -19.05 -16.24
N ILE B 198 25.28 -17.96 -15.60
CA ILE B 198 24.02 -18.02 -14.85
C ILE B 198 22.80 -18.04 -15.76
N LEU B 199 22.92 -17.54 -16.99
CA LEU B 199 21.79 -17.46 -17.96
C LEU B 199 21.08 -18.78 -18.20
N ALA B 200 21.87 -19.80 -18.49
CA ALA B 200 21.41 -21.20 -18.61
C ALA B 200 20.71 -21.72 -17.33
N LYS B 201 21.17 -21.26 -16.17
CA LYS B 201 20.69 -21.75 -14.87
C LYS B 201 19.47 -21.03 -14.29
N LEU B 202 19.03 -19.94 -14.90
CA LEU B 202 17.86 -19.21 -14.39
C LEU B 202 16.62 -20.05 -14.59
N PRO B 203 15.58 -19.88 -13.74
CA PRO B 203 14.32 -20.58 -14.01
C PRO B 203 13.70 -20.16 -15.36
N PRO B 204 13.02 -21.10 -16.05
CA PRO B 204 12.21 -20.68 -17.23
C PRO B 204 11.07 -19.72 -16.86
N LYS B 205 10.72 -18.79 -17.75
CA LYS B 205 9.78 -17.69 -17.40
C LYS B 205 8.33 -18.17 -17.17
N GLY B 206 8.00 -19.36 -17.67
CA GLY B 206 6.77 -20.04 -17.29
C GLY B 206 6.77 -20.49 -15.83
N LYS B 207 7.87 -21.12 -15.40
CA LYS B 207 8.05 -21.66 -14.01
C LYS B 207 7.73 -20.65 -12.90
N LEU B 208 8.12 -19.40 -13.10
CA LEU B 208 8.00 -18.37 -12.09
C LEU B 208 6.53 -17.93 -11.93
N ARG B 209 5.86 -17.67 -13.06
CA ARG B 209 4.46 -17.22 -13.07
C ARG B 209 3.46 -18.34 -12.71
N SER B 210 3.73 -19.56 -13.18
CA SER B 210 2.87 -20.71 -12.87
C SER B 210 3.00 -21.19 -11.42
N LEU B 211 4.17 -20.94 -10.80
CA LEU B 211 4.35 -21.21 -9.37
C LEU B 211 3.60 -20.19 -8.48
N CYS B 212 3.52 -18.92 -8.88
CA CYS B 212 2.68 -17.92 -8.19
C CYS B 212 1.17 -18.02 -8.47
N SER B 213 0.79 -18.72 -9.55
CA SER B 213 -0.61 -19.09 -9.83
C SER B 213 -1.15 -20.15 -8.83
N GLN B 214 -0.33 -21.15 -8.53
CA GLN B 214 -0.66 -22.20 -7.56
C GLN B 214 -0.85 -21.64 -6.14
N HIS B 215 -0.03 -20.67 -5.75
CA HIS B 215 -0.05 -20.11 -4.38
C HIS B 215 -1.28 -19.23 -4.13
N VAL B 216 -1.81 -18.60 -5.18
CA VAL B 216 -3.05 -17.78 -5.08
C VAL B 216 -4.28 -18.60 -4.63
N GLU B 217 -4.30 -19.90 -4.97
CA GLU B 217 -5.36 -20.82 -4.51
C GLU B 217 -5.10 -21.28 -3.08
#